data_1HZG
#
_entry.id   1HZG
#
_cell.length_a   54.900
_cell.length_b   54.900
_cell.length_c   176.800
_cell.angle_alpha   90.00
_cell.angle_beta   90.00
_cell.angle_gamma   120.00
#
_symmetry.space_group_name_H-M   'P 65'
#
loop_
_entity.id
_entity.type
_entity.pdbx_description
1 polymer 'CYTOTOXIC NECROTIZING FACTOR 1'
2 non-polymer 'PHOSPHATE ION'
3 water water
#
_entity_poly.entity_id   1
_entity_poly.type   'polypeptide(L)'
_entity_poly.pdbx_seq_one_letter_code
;SIESTSKSNFQKLSRGNIDVLKGRGSISSTRQRAIYPYFEAANADEQQPLFFYIKKDRFDNHGYDQYFYDNTVGPNGIPT
LNTYTGEIPSDSSSLGSTYWKKYNLTNETSIIRVSNSARGANGIKIALEEVQEGKPVIITSGNLSGSTTIVARKEGYIYK
VHTGTTKSLAGFTSTTGVKKAVEVLELLTKEPIPRVEGIMSNDFLVDYLSENFEDSLITYSSSEKKPDSQITIIRDNVSV
FPYFLDNIPEHGFGTSATVLVRVDGNVVVRSLSESYSLNADASEISVLKVFSKKF
;
_entity_poly.pdbx_strand_id   A
#
loop_
_chem_comp.id
_chem_comp.type
_chem_comp.name
_chem_comp.formula
PO4 non-polymer 'PHOSPHATE ION' 'O4 P -3'
#
# COMPACT_ATOMS: atom_id res chain seq x y z
N SER A 1 25.85 6.24 -13.82
CA SER A 1 25.72 4.76 -13.87
C SER A 1 24.59 4.31 -12.95
N ILE A 2 24.18 3.06 -13.09
CA ILE A 2 23.12 2.52 -12.24
C ILE A 2 23.55 2.65 -10.79
N GLU A 3 24.80 2.31 -10.53
CA GLU A 3 25.35 2.38 -9.17
C GLU A 3 25.35 3.80 -8.58
N SER A 4 25.89 4.77 -9.31
CA SER A 4 25.95 6.14 -8.81
C SER A 4 24.55 6.74 -8.65
N THR A 5 23.68 6.47 -9.61
CA THR A 5 22.31 6.98 -9.55
C THR A 5 21.58 6.38 -8.36
N SER A 6 21.77 5.08 -8.15
CA SER A 6 21.12 4.39 -7.05
C SER A 6 21.59 4.94 -5.70
N LYS A 7 22.88 5.24 -5.60
CA LYS A 7 23.42 5.78 -4.36
C LYS A 7 22.78 7.16 -4.12
N SER A 8 22.66 7.93 -5.20
CA SER A 8 22.06 9.25 -5.13
C SER A 8 20.59 9.14 -4.70
N ASN A 9 19.89 8.17 -5.27
CA ASN A 9 18.48 7.92 -4.95
C ASN A 9 18.35 7.70 -3.44
N PHE A 10 19.23 6.87 -2.90
CA PHE A 10 19.22 6.55 -1.48
C PHE A 10 19.50 7.78 -0.61
N GLN A 11 20.46 8.60 -1.02
CA GLN A 11 20.80 9.79 -0.25
C GLN A 11 19.59 10.73 -0.15
N LYS A 12 18.87 10.90 -1.25
CA LYS A 12 17.70 11.76 -1.25
C LYS A 12 16.63 11.16 -0.34
N LEU A 13 16.39 9.87 -0.49
CA LEU A 13 15.39 9.19 0.32
C LEU A 13 15.72 9.32 1.81
N SER A 14 16.98 9.09 2.17
CA SER A 14 17.39 9.15 3.57
C SER A 14 17.22 10.56 4.17
N ARG A 15 16.99 11.55 3.31
CA ARG A 15 16.76 12.90 3.77
C ARG A 15 15.29 13.28 3.71
N GLY A 16 14.44 12.28 3.48
CA GLY A 16 13.01 12.51 3.41
C GLY A 16 12.50 13.13 2.12
N ASN A 17 13.32 13.09 1.06
CA ASN A 17 12.94 13.66 -0.22
C ASN A 17 12.16 12.63 -1.02
N ILE A 18 10.83 12.73 -1.01
CA ILE A 18 10.00 11.76 -1.73
C ILE A 18 9.98 11.98 -3.25
N ASP A 19 10.64 13.03 -3.73
CA ASP A 19 10.68 13.27 -5.18
C ASP A 19 11.40 12.12 -5.88
N VAL A 20 12.23 11.41 -5.13
CA VAL A 20 12.98 10.28 -5.65
C VAL A 20 12.03 9.18 -6.14
N LEU A 21 10.77 9.24 -5.74
CA LEU A 21 9.80 8.23 -6.15
C LEU A 21 8.83 8.71 -7.24
N LYS A 22 8.75 10.03 -7.42
CA LYS A 22 7.83 10.60 -8.40
C LYS A 22 8.07 10.20 -9.84
N GLY A 23 6.99 9.81 -10.52
CA GLY A 23 7.06 9.44 -11.92
C GLY A 23 7.88 8.23 -12.30
N ARG A 24 8.31 7.43 -11.33
CA ARG A 24 9.11 6.27 -11.63
C ARG A 24 8.38 4.93 -11.54
N GLY A 25 7.06 5.00 -11.50
CA GLY A 25 6.27 3.79 -11.45
C GLY A 25 6.17 3.15 -10.08
N SER A 26 5.76 1.89 -10.08
CA SER A 26 5.58 1.15 -8.83
C SER A 26 6.80 0.44 -8.31
N ILE A 27 6.85 0.29 -7.00
CA ILE A 27 7.93 -0.44 -6.34
C ILE A 27 7.22 -1.72 -5.95
N SER A 28 7.60 -2.83 -6.56
CA SER A 28 6.94 -4.10 -6.25
C SER A 28 7.80 -5.29 -6.60
N SER A 29 8.07 -6.11 -5.58
CA SER A 29 8.87 -7.32 -5.73
C SER A 29 8.30 -8.38 -4.80
N THR A 30 8.47 -9.65 -5.16
CA THR A 30 7.98 -10.75 -4.33
C THR A 30 9.08 -11.29 -3.41
N ARG A 31 10.23 -10.63 -3.44
CA ARG A 31 11.35 -11.03 -2.62
C ARG A 31 11.03 -10.95 -1.13
N GLN A 32 11.73 -11.76 -0.34
CA GLN A 32 11.51 -11.76 1.10
C GLN A 32 12.80 -11.81 1.90
N ARG A 33 13.18 -10.65 2.45
CA ARG A 33 14.37 -10.54 3.28
C ARG A 33 13.94 -9.81 4.56
N ALA A 34 14.46 -10.23 5.70
CA ALA A 34 14.11 -9.62 6.96
C ALA A 34 14.57 -8.16 6.99
N ILE A 35 13.80 -7.31 7.65
CA ILE A 35 14.16 -5.90 7.78
C ILE A 35 14.17 -5.56 9.27
N TYR A 36 14.81 -4.46 9.62
CA TYR A 36 14.93 -4.09 11.03
C TYR A 36 13.73 -3.60 11.82
N PRO A 37 12.86 -2.77 11.22
CA PRO A 37 11.72 -2.29 12.01
C PRO A 37 10.63 -3.29 12.35
N TYR A 38 10.18 -3.24 13.60
CA TYR A 38 9.10 -4.12 14.02
C TYR A 38 7.79 -3.47 13.59
N PHE A 39 6.85 -4.28 13.13
CA PHE A 39 5.56 -3.78 12.73
C PHE A 39 4.58 -4.94 12.86
N GLU A 40 3.32 -4.63 13.14
CA GLU A 40 2.31 -5.66 13.28
C GLU A 40 1.53 -5.70 11.98
N ALA A 41 0.94 -6.85 11.68
CA ALA A 41 0.18 -6.99 10.46
C ALA A 41 -1.12 -7.75 10.76
N ALA A 42 -2.10 -7.61 9.88
CA ALA A 42 -3.36 -8.29 10.06
C ALA A 42 -4.03 -8.53 8.72
N ASN A 43 -4.98 -9.44 8.71
CA ASN A 43 -5.72 -9.77 7.50
C ASN A 43 -7.16 -10.08 7.83
N ALA A 44 -8.06 -9.71 6.93
CA ALA A 44 -9.49 -9.99 7.05
C ALA A 44 -9.85 -10.35 5.62
N ASP A 45 -10.13 -11.63 5.39
CA ASP A 45 -10.45 -12.12 4.05
C ASP A 45 -11.87 -12.69 4.02
N GLU A 46 -12.63 -12.28 3.00
CA GLU A 46 -14.02 -12.70 2.86
C GLU A 46 -14.23 -14.03 2.14
N GLN A 47 -13.88 -15.11 2.81
CA GLN A 47 -14.08 -16.44 2.23
C GLN A 47 -15.03 -17.20 3.15
N GLN A 48 -15.41 -18.41 2.76
CA GLN A 48 -16.31 -19.21 3.59
C GLN A 48 -15.56 -20.42 4.12
N PRO A 49 -15.36 -20.49 5.45
CA PRO A 49 -15.79 -19.49 6.43
C PRO A 49 -14.90 -18.24 6.42
N LEU A 50 -15.35 -17.19 7.10
CA LEU A 50 -14.59 -15.95 7.17
C LEU A 50 -13.25 -16.21 7.85
N PHE A 51 -12.25 -15.38 7.53
CA PHE A 51 -10.92 -15.56 8.09
C PHE A 51 -10.29 -14.26 8.61
N PHE A 52 -9.64 -14.35 9.77
CA PHE A 52 -8.96 -13.21 10.38
C PHE A 52 -7.59 -13.67 10.88
N TYR A 53 -6.60 -12.78 10.79
CA TYR A 53 -5.25 -13.11 11.21
C TYR A 53 -4.54 -11.88 11.76
N ILE A 54 -3.88 -12.04 12.90
CA ILE A 54 -3.10 -10.95 13.46
C ILE A 54 -1.72 -11.52 13.65
N LYS A 55 -0.73 -10.80 13.15
CA LYS A 55 0.65 -11.23 13.25
C LYS A 55 1.50 -10.20 13.99
N LYS A 56 1.94 -10.57 15.19
CA LYS A 56 2.81 -9.70 15.98
C LYS A 56 4.11 -10.49 16.01
N ASP A 57 4.66 -10.69 14.82
CA ASP A 57 5.87 -11.47 14.62
C ASP A 57 6.61 -10.88 13.43
N ARG A 58 7.92 -11.12 13.36
CA ARG A 58 8.73 -10.61 12.26
C ARG A 58 8.80 -11.57 11.09
N PHE A 59 8.91 -11.01 9.89
CA PHE A 59 9.04 -11.83 8.68
C PHE A 59 10.52 -12.18 8.53
N ASP A 60 10.86 -13.46 8.54
CA ASP A 60 12.27 -13.86 8.41
C ASP A 60 12.72 -13.90 6.95
N ASN A 61 14.00 -14.17 6.75
CA ASN A 61 14.56 -14.28 5.41
C ASN A 61 13.99 -15.57 4.81
N HIS A 62 13.91 -15.61 3.49
CA HIS A 62 13.41 -16.79 2.77
C HIS A 62 12.34 -17.54 3.55
N GLY A 63 11.10 -17.06 3.48
CA GLY A 63 10.02 -17.70 4.18
C GLY A 63 8.75 -16.86 4.20
N TYR A 64 7.87 -17.12 3.25
CA TYR A 64 6.61 -16.39 3.16
C TYR A 64 5.67 -16.85 4.27
N ASP A 65 4.64 -16.06 4.52
CA ASP A 65 3.63 -16.38 5.52
C ASP A 65 2.45 -16.91 4.69
N GLN A 66 2.06 -18.15 4.90
CA GLN A 66 0.97 -18.71 4.11
C GLN A 66 -0.34 -17.95 4.24
N TYR A 67 -0.49 -17.17 5.31
CA TYR A 67 -1.72 -16.41 5.51
C TYR A 67 -1.65 -15.02 4.86
N PHE A 68 -0.51 -14.72 4.25
CA PHE A 68 -0.30 -13.47 3.52
C PHE A 68 0.27 -13.97 2.19
N TYR A 69 -0.46 -14.88 1.55
CA TYR A 69 0.00 -15.48 0.31
C TYR A 69 -1.17 -15.84 -0.58
N ASP A 70 -0.93 -15.83 -1.89
CA ASP A 70 -1.98 -16.16 -2.86
C ASP A 70 -1.42 -17.18 -3.85
N ASN A 71 -1.95 -18.40 -3.80
CA ASN A 71 -1.50 -19.47 -4.68
C ASN A 71 -2.23 -19.47 -6.02
N THR A 72 -3.10 -18.48 -6.20
CA THR A 72 -3.87 -18.36 -7.44
C THR A 72 -3.08 -17.70 -8.55
N VAL A 73 -1.96 -17.06 -8.20
CA VAL A 73 -1.15 -16.38 -9.19
C VAL A 73 0.18 -17.08 -9.47
N GLY A 74 0.50 -17.27 -10.74
CA GLY A 74 1.74 -17.90 -11.12
C GLY A 74 1.86 -19.39 -10.81
N PRO A 75 2.91 -20.05 -11.33
CA PRO A 75 3.18 -21.48 -11.14
C PRO A 75 3.25 -21.92 -9.68
N ASN A 76 3.40 -20.97 -8.77
CA ASN A 76 3.50 -21.32 -7.35
C ASN A 76 3.01 -20.22 -6.41
N GLY A 77 2.19 -19.32 -6.91
CA GLY A 77 1.66 -18.25 -6.07
C GLY A 77 2.64 -17.13 -5.75
N ILE A 78 2.14 -16.09 -5.10
CA ILE A 78 2.96 -14.96 -4.70
C ILE A 78 2.53 -14.41 -3.34
N PRO A 79 3.47 -13.76 -2.63
CA PRO A 79 3.13 -13.20 -1.32
C PRO A 79 2.21 -12.00 -1.48
N THR A 80 1.36 -11.74 -0.49
CA THR A 80 0.47 -10.58 -0.52
C THR A 80 0.99 -9.54 0.48
N LEU A 81 1.99 -9.95 1.25
CA LEU A 81 2.63 -9.05 2.21
C LEU A 81 4.02 -9.61 2.38
N ASN A 82 5.03 -8.79 2.10
CA ASN A 82 6.41 -9.25 2.22
C ASN A 82 7.35 -8.08 2.47
N THR A 83 8.51 -8.37 3.02
CA THR A 83 9.51 -7.34 3.30
C THR A 83 10.78 -7.68 2.51
N TYR A 84 11.51 -6.64 2.13
CA TYR A 84 12.76 -6.83 1.40
C TYR A 84 13.57 -5.54 1.38
N THR A 85 14.81 -5.62 0.93
CA THR A 85 15.66 -4.44 0.91
C THR A 85 15.74 -3.76 -0.46
N GLY A 86 16.19 -2.51 -0.46
CA GLY A 86 16.22 -1.71 -1.67
C GLY A 86 17.16 -1.99 -2.83
N GLU A 87 18.01 -3.03 -2.75
CA GLU A 87 18.92 -3.31 -3.86
C GLU A 87 18.15 -3.66 -5.12
N ILE A 88 16.91 -4.11 -4.94
CA ILE A 88 16.04 -4.47 -6.05
C ILE A 88 14.59 -4.14 -5.67
N PRO A 89 14.20 -2.87 -5.87
CA PRO A 89 12.84 -2.40 -5.53
C PRO A 89 11.72 -3.14 -6.25
N SER A 90 11.91 -3.41 -7.54
CA SER A 90 10.92 -4.10 -8.34
C SER A 90 11.57 -5.20 -9.18
N ASP A 91 10.81 -6.24 -9.47
CA ASP A 91 11.31 -7.33 -10.29
C ASP A 91 10.29 -7.69 -11.37
N SER A 92 10.59 -8.73 -12.15
CA SER A 92 9.72 -9.15 -13.24
C SER A 92 8.30 -9.57 -12.85
N SER A 93 8.02 -9.62 -11.55
CA SER A 93 6.68 -9.99 -11.10
C SER A 93 5.74 -8.79 -11.21
N SER A 94 6.32 -7.61 -11.45
CA SER A 94 5.53 -6.39 -11.57
C SER A 94 5.50 -5.82 -12.98
N LEU A 95 4.31 -5.42 -13.43
CA LEU A 95 4.14 -4.87 -14.77
C LEU A 95 4.21 -3.35 -14.79
N GLY A 96 3.82 -2.71 -13.69
CA GLY A 96 3.85 -1.25 -13.63
C GLY A 96 5.21 -0.72 -13.22
N SER A 97 6.20 -1.61 -13.23
CA SER A 97 7.55 -1.23 -12.84
C SER A 97 8.46 -1.12 -14.05
N THR A 98 9.17 0.00 -14.13
CA THR A 98 10.07 0.27 -15.24
C THR A 98 11.43 0.69 -14.70
N TYR A 99 11.46 1.91 -14.19
CA TYR A 99 12.66 2.52 -13.63
C TYR A 99 13.24 1.66 -12.48
N TRP A 100 12.37 1.13 -11.64
CA TRP A 100 12.81 0.36 -10.49
C TRP A 100 13.33 -1.05 -10.77
N LYS A 101 13.27 -1.47 -12.03
CA LYS A 101 13.81 -2.76 -12.39
C LYS A 101 15.24 -2.53 -12.86
N LYS A 102 15.54 -1.28 -13.21
CA LYS A 102 16.87 -0.93 -13.67
C LYS A 102 17.72 -0.30 -12.56
N TYR A 103 17.15 0.69 -11.88
CA TYR A 103 17.87 1.36 -10.79
C TYR A 103 17.34 0.87 -9.45
N ASN A 104 18.08 1.17 -8.38
CA ASN A 104 17.65 0.74 -7.04
C ASN A 104 17.85 1.81 -5.97
N LEU A 105 17.62 1.43 -4.71
CA LEU A 105 17.74 2.34 -3.58
C LEU A 105 18.75 1.83 -2.55
N THR A 106 19.57 0.87 -3.00
CA THR A 106 20.60 0.23 -2.17
C THR A 106 19.98 -0.66 -1.10
N ASN A 107 20.78 -1.57 -0.56
CA ASN A 107 20.31 -2.48 0.48
C ASN A 107 20.12 -1.83 1.85
N GLU A 108 20.35 -0.52 1.94
CA GLU A 108 20.17 0.20 3.20
C GLU A 108 18.74 0.72 3.33
N THR A 109 17.95 0.49 2.29
CA THR A 109 16.55 0.91 2.27
C THR A 109 15.70 -0.32 2.59
N SER A 110 14.77 -0.17 3.52
CA SER A 110 13.88 -1.28 3.90
C SER A 110 12.50 -1.07 3.27
N ILE A 111 11.97 -2.13 2.67
CA ILE A 111 10.68 -2.05 2.00
C ILE A 111 9.65 -3.03 2.53
N ILE A 112 8.43 -2.54 2.74
CA ILE A 112 7.33 -3.40 3.20
C ILE A 112 6.28 -3.32 2.09
N ARG A 113 6.01 -4.45 1.46
CA ARG A 113 5.03 -4.49 0.39
C ARG A 113 3.72 -5.05 0.93
N VAL A 114 2.66 -4.26 0.82
CA VAL A 114 1.35 -4.67 1.30
C VAL A 114 0.32 -4.66 0.17
N SER A 115 -0.01 -5.84 -0.33
CA SER A 115 -0.98 -5.97 -1.39
C SER A 115 -2.31 -6.32 -0.72
N ASN A 116 -3.40 -6.38 -1.49
CA ASN A 116 -4.67 -6.75 -0.88
C ASN A 116 -4.67 -8.27 -0.81
N SER A 117 -5.63 -8.86 -0.08
CA SER A 117 -5.71 -10.31 -0.03
C SER A 117 -6.67 -10.73 -1.15
N ALA A 118 -6.81 -12.04 -1.36
CA ALA A 118 -7.68 -12.56 -2.42
C ALA A 118 -9.07 -11.92 -2.44
N ARG A 119 -9.67 -11.78 -1.27
CA ARG A 119 -11.00 -11.19 -1.14
C ARG A 119 -11.04 -10.39 0.15
N GLY A 120 -10.08 -9.49 0.32
CA GLY A 120 -10.07 -8.72 1.53
C GLY A 120 -8.91 -7.77 1.69
N ALA A 121 -8.62 -7.46 2.94
CA ALA A 121 -7.58 -6.50 3.27
C ALA A 121 -6.43 -7.03 4.10
N ASN A 122 -5.25 -6.49 3.79
CA ASN A 122 -4.03 -6.77 4.54
C ASN A 122 -3.66 -5.40 5.07
N GLY A 123 -3.06 -5.36 6.26
CA GLY A 123 -2.67 -4.08 6.80
C GLY A 123 -1.51 -4.20 7.77
N ILE A 124 -0.81 -3.10 7.99
CA ILE A 124 0.29 -3.09 8.94
C ILE A 124 0.16 -1.86 9.83
N LYS A 125 0.81 -1.94 10.97
CA LYS A 125 0.83 -0.87 11.97
C LYS A 125 2.29 -0.73 12.37
N ILE A 126 2.84 0.46 12.16
CA ILE A 126 4.25 0.68 12.49
C ILE A 126 4.46 1.99 13.25
N ALA A 127 5.25 1.93 14.31
CA ALA A 127 5.52 3.11 15.12
C ALA A 127 6.56 3.98 14.42
N LEU A 128 6.32 5.28 14.38
CA LEU A 128 7.28 6.19 13.76
C LEU A 128 8.65 6.07 14.41
N GLU A 129 8.67 5.90 15.73
CA GLU A 129 9.93 5.80 16.46
C GLU A 129 10.80 4.57 16.19
N GLU A 130 10.25 3.59 15.46
CA GLU A 130 11.01 2.40 15.13
C GLU A 130 12.06 2.73 14.07
N VAL A 131 11.81 3.80 13.33
CA VAL A 131 12.70 4.22 12.26
C VAL A 131 14.03 4.78 12.73
N GLN A 132 15.11 4.29 12.13
CA GLN A 132 16.46 4.73 12.47
C GLN A 132 17.06 5.66 11.43
N GLU A 133 17.81 6.66 11.89
CA GLU A 133 18.46 7.61 10.99
C GLU A 133 19.35 6.83 10.03
N GLY A 134 19.30 7.18 8.75
CA GLY A 134 20.12 6.49 7.76
C GLY A 134 19.55 5.18 7.26
N LYS A 135 18.39 4.79 7.78
CA LYS A 135 17.74 3.55 7.37
C LYS A 135 16.27 3.80 7.03
N PRO A 136 16.01 4.47 5.89
CA PRO A 136 14.65 4.78 5.43
C PRO A 136 13.78 3.55 5.20
N VAL A 137 12.49 3.72 5.47
CA VAL A 137 11.52 2.63 5.30
C VAL A 137 10.46 3.07 4.30
N ILE A 138 10.10 2.17 3.39
CA ILE A 138 9.07 2.46 2.40
C ILE A 138 7.99 1.39 2.46
N ILE A 139 6.73 1.82 2.58
CA ILE A 139 5.61 0.88 2.58
C ILE A 139 5.04 1.07 1.17
N THR A 140 5.09 0.01 0.35
CA THR A 140 4.58 0.12 -1.01
C THR A 140 3.35 -0.75 -1.17
N SER A 141 2.46 -0.36 -2.08
CA SER A 141 1.22 -1.11 -2.31
C SER A 141 1.30 -1.98 -3.55
N GLY A 142 2.39 -1.87 -4.30
CA GLY A 142 2.50 -2.63 -5.52
C GLY A 142 1.70 -1.91 -6.59
N ASN A 143 1.24 -2.64 -7.60
CA ASN A 143 0.44 -2.02 -8.65
C ASN A 143 -1.03 -2.09 -8.32
N LEU A 144 -1.69 -0.93 -8.36
CA LEU A 144 -3.10 -0.86 -8.07
C LEU A 144 -3.89 -0.98 -9.36
N SER A 145 -4.76 -1.98 -9.45
CA SER A 145 -5.56 -2.16 -10.65
C SER A 145 -7.04 -2.24 -10.28
N GLY A 146 -7.44 -1.40 -9.31
CA GLY A 146 -8.83 -1.39 -8.89
C GLY A 146 -8.99 -1.42 -7.37
N SER A 147 -7.95 -1.87 -6.68
CA SER A 147 -7.98 -1.96 -5.22
C SER A 147 -7.88 -0.60 -4.53
N THR A 148 -8.06 -0.59 -3.22
CA THR A 148 -8.00 0.64 -2.43
C THR A 148 -6.94 0.56 -1.34
N THR A 149 -6.16 1.63 -1.16
CA THR A 149 -5.18 1.64 -0.09
C THR A 149 -5.52 2.79 0.84
N ILE A 150 -5.22 2.60 2.11
CA ILE A 150 -5.48 3.59 3.14
C ILE A 150 -4.21 3.80 3.95
N VAL A 151 -3.83 5.06 4.14
CA VAL A 151 -2.68 5.38 4.96
C VAL A 151 -3.24 6.30 6.03
N ALA A 152 -2.98 5.98 7.30
CA ALA A 152 -3.51 6.80 8.38
C ALA A 152 -2.55 6.91 9.54
N ARG A 153 -2.69 7.98 10.32
CA ARG A 153 -1.84 8.19 11.48
C ARG A 153 -2.68 8.33 12.74
N LYS A 154 -2.20 7.73 13.82
CA LYS A 154 -2.88 7.83 15.10
C LYS A 154 -1.91 7.57 16.24
N GLU A 155 -1.76 8.58 17.11
CA GLU A 155 -0.90 8.48 18.28
C GLU A 155 0.48 7.83 18.07
N GLY A 156 1.29 8.40 17.19
CA GLY A 156 2.62 7.87 16.97
C GLY A 156 2.75 6.63 16.09
N TYR A 157 1.66 6.20 15.47
CA TYR A 157 1.70 5.03 14.60
C TYR A 157 1.13 5.32 13.22
N ILE A 158 1.69 4.67 12.21
CA ILE A 158 1.19 4.81 10.86
C ILE A 158 0.51 3.49 10.53
N TYR A 159 -0.70 3.56 9.99
CA TYR A 159 -1.44 2.38 9.60
C TYR A 159 -1.54 2.40 8.08
N LYS A 160 -1.35 1.26 7.42
CA LYS A 160 -1.50 1.21 5.98
C LYS A 160 -2.25 -0.06 5.66
N VAL A 161 -3.39 0.10 5.01
CA VAL A 161 -4.26 -1.02 4.67
C VAL A 161 -4.53 -1.06 3.17
N HIS A 162 -4.52 -2.26 2.60
CA HIS A 162 -4.75 -2.44 1.17
C HIS A 162 -5.85 -3.48 1.03
N THR A 163 -7.00 -3.07 0.47
CA THR A 163 -8.13 -3.99 0.31
C THR A 163 -8.61 -4.09 -1.14
N GLY A 164 -9.08 -5.27 -1.50
CA GLY A 164 -9.57 -5.48 -2.86
C GLY A 164 -9.78 -6.95 -3.12
N THR A 165 -9.84 -7.33 -4.40
CA THR A 165 -10.04 -8.72 -4.76
C THR A 165 -9.26 -9.08 -6.02
N THR A 166 -8.70 -10.28 -6.03
CA THR A 166 -7.93 -10.76 -7.18
C THR A 166 -8.86 -11.37 -8.22
N LYS A 167 -10.11 -11.61 -7.84
CA LYS A 167 -11.08 -12.17 -8.78
C LYS A 167 -11.89 -11.02 -9.34
N SER A 168 -12.76 -11.31 -10.30
CA SER A 168 -13.58 -10.28 -10.92
C SER A 168 -14.94 -10.11 -10.25
N LEU A 169 -14.93 -9.87 -8.94
CA LEU A 169 -16.17 -9.66 -8.20
C LEU A 169 -16.53 -8.18 -8.32
N ALA A 170 -17.33 -7.86 -9.33
CA ALA A 170 -17.74 -6.48 -9.57
C ALA A 170 -18.42 -5.83 -8.37
N GLY A 171 -17.92 -4.66 -7.97
CA GLY A 171 -18.50 -3.94 -6.85
C GLY A 171 -18.00 -4.38 -5.49
N PHE A 172 -17.14 -5.39 -5.46
CA PHE A 172 -16.62 -5.91 -4.20
C PHE A 172 -15.81 -4.88 -3.40
N THR A 173 -14.82 -4.29 -4.04
CA THR A 173 -13.92 -3.34 -3.38
C THR A 173 -14.56 -2.16 -2.68
N SER A 174 -15.59 -1.59 -3.29
CA SER A 174 -16.28 -0.43 -2.73
C SER A 174 -17.34 -0.82 -1.68
N THR A 175 -17.54 -2.12 -1.47
CA THR A 175 -18.52 -2.55 -0.48
C THR A 175 -17.87 -3.51 0.53
N THR A 176 -17.82 -4.78 0.20
CA THR A 176 -17.22 -5.76 1.08
C THR A 176 -15.76 -5.41 1.38
N GLY A 177 -15.07 -4.86 0.37
CA GLY A 177 -13.68 -4.48 0.54
C GLY A 177 -13.51 -3.44 1.63
N VAL A 178 -14.50 -2.54 1.75
CA VAL A 178 -14.45 -1.52 2.77
C VAL A 178 -14.64 -2.18 4.14
N LYS A 179 -15.54 -3.14 4.20
CA LYS A 179 -15.78 -3.84 5.45
C LYS A 179 -14.49 -4.51 5.91
N LYS A 180 -13.80 -5.19 5.01
CA LYS A 180 -12.57 -5.89 5.39
C LYS A 180 -11.49 -4.89 5.84
N ALA A 181 -11.41 -3.74 5.18
CA ALA A 181 -10.42 -2.74 5.56
C ALA A 181 -10.69 -2.19 6.96
N VAL A 182 -11.96 -1.92 7.26
CA VAL A 182 -12.32 -1.39 8.57
C VAL A 182 -12.06 -2.43 9.66
N GLU A 183 -12.31 -3.70 9.35
CA GLU A 183 -12.07 -4.77 10.30
C GLU A 183 -10.58 -4.86 10.63
N VAL A 184 -9.74 -4.74 9.59
CA VAL A 184 -8.30 -4.79 9.80
C VAL A 184 -7.85 -3.60 10.66
N LEU A 185 -8.40 -2.41 10.39
CA LEU A 185 -8.03 -1.23 11.16
C LEU A 185 -8.45 -1.41 12.61
N GLU A 186 -9.58 -2.06 12.81
CA GLU A 186 -10.08 -2.30 14.16
C GLU A 186 -9.16 -3.30 14.86
N LEU A 187 -8.77 -4.35 14.14
CA LEU A 187 -7.88 -5.37 14.70
C LEU A 187 -6.54 -4.78 15.08
N LEU A 188 -6.03 -3.86 14.26
CA LEU A 188 -4.75 -3.22 14.52
C LEU A 188 -4.81 -2.16 15.62
N THR A 189 -5.99 -1.64 15.89
CA THR A 189 -6.15 -0.61 16.91
C THR A 189 -6.66 -1.15 18.25
N LYS A 190 -6.30 -2.39 18.57
CA LYS A 190 -6.67 -3.01 19.84
C LYS A 190 -8.14 -3.41 20.00
N GLU A 191 -8.80 -3.76 18.91
CA GLU A 191 -10.18 -4.20 18.99
C GLU A 191 -10.22 -5.63 18.45
N PRO A 192 -10.03 -6.62 19.33
CA PRO A 192 -10.03 -8.04 18.98
C PRO A 192 -11.36 -8.53 18.41
N ILE A 193 -12.44 -7.81 18.70
CA ILE A 193 -13.76 -8.18 18.23
C ILE A 193 -14.42 -7.05 17.45
N PRO A 194 -13.98 -6.83 16.20
CA PRO A 194 -14.55 -5.76 15.37
C PRO A 194 -15.98 -6.07 14.96
N ARG A 195 -16.85 -5.06 15.02
CA ARG A 195 -18.25 -5.22 14.65
C ARG A 195 -18.71 -4.19 13.63
N VAL A 196 -18.51 -4.50 12.36
CA VAL A 196 -18.92 -3.61 11.27
C VAL A 196 -20.08 -4.29 10.55
N GLU A 197 -21.31 -3.90 10.89
CA GLU A 197 -22.49 -4.52 10.29
C GLU A 197 -23.38 -3.62 9.45
N GLY A 198 -23.02 -2.33 9.35
CA GLY A 198 -23.84 -1.41 8.57
C GLY A 198 -23.67 -1.52 7.06
N ILE A 199 -24.19 -0.53 6.35
CA ILE A 199 -24.09 -0.49 4.89
C ILE A 199 -22.69 -0.01 4.53
N MET A 200 -22.00 -0.78 3.69
CA MET A 200 -20.63 -0.43 3.29
C MET A 200 -20.53 0.33 1.96
N SER A 201 -19.64 1.32 1.94
CA SER A 201 -19.41 2.14 0.76
C SER A 201 -18.12 2.91 1.02
N ASN A 202 -17.58 3.56 0.00
CA ASN A 202 -16.36 4.32 0.22
C ASN A 202 -16.66 5.49 1.14
N ASP A 203 -17.91 5.96 1.13
CA ASP A 203 -18.30 7.05 2.02
C ASP A 203 -18.19 6.58 3.47
N PHE A 204 -18.57 5.33 3.73
CA PHE A 204 -18.50 4.78 5.08
C PHE A 204 -17.05 4.79 5.53
N LEU A 205 -16.16 4.41 4.62
CA LEU A 205 -14.73 4.38 4.90
C LEU A 205 -14.26 5.77 5.30
N VAL A 206 -14.66 6.78 4.54
CA VAL A 206 -14.26 8.17 4.84
C VAL A 206 -14.74 8.56 6.23
N ASP A 207 -16.01 8.33 6.51
CA ASP A 207 -16.56 8.67 7.81
C ASP A 207 -15.82 7.96 8.94
N TYR A 208 -15.59 6.66 8.76
CA TYR A 208 -14.90 5.87 9.76
C TYR A 208 -13.49 6.39 10.05
N LEU A 209 -12.73 6.67 8.99
CA LEU A 209 -11.36 7.17 9.16
C LEU A 209 -11.34 8.54 9.84
N SER A 210 -12.30 9.39 9.50
CA SER A 210 -12.36 10.74 10.08
C SER A 210 -12.56 10.66 11.60
N GLU A 211 -13.42 9.75 12.01
CA GLU A 211 -13.73 9.58 13.43
C GLU A 211 -12.69 8.84 14.25
N ASN A 212 -11.95 7.92 13.63
CA ASN A 212 -10.98 7.13 14.36
C ASN A 212 -9.49 7.39 14.20
N PHE A 213 -9.11 8.21 13.23
CA PHE A 213 -7.70 8.50 13.03
C PHE A 213 -7.45 10.00 12.92
N GLU A 214 -6.23 10.43 13.19
CA GLU A 214 -5.88 11.83 13.14
C GLU A 214 -5.96 12.41 11.73
N ASP A 215 -5.43 11.67 10.76
CA ASP A 215 -5.43 12.11 9.38
C ASP A 215 -5.28 10.87 8.52
N SER A 216 -5.77 10.90 7.29
CA SER A 216 -5.66 9.74 6.44
C SER A 216 -5.74 10.09 4.96
N LEU A 217 -5.33 9.12 4.14
CA LEU A 217 -5.36 9.28 2.68
C LEU A 217 -5.88 7.99 2.06
N ILE A 218 -6.93 8.13 1.26
CA ILE A 218 -7.53 7.00 0.56
C ILE A 218 -7.16 7.08 -0.91
N THR A 219 -6.54 6.03 -1.43
CA THR A 219 -6.16 5.96 -2.84
C THR A 219 -7.09 4.88 -3.38
N TYR A 220 -8.00 5.28 -4.26
CA TYR A 220 -9.03 4.36 -4.75
C TYR A 220 -9.45 4.55 -6.20
N SER A 221 -10.32 3.65 -6.64
CA SER A 221 -10.87 3.69 -7.99
C SER A 221 -12.29 4.23 -7.88
N SER A 222 -12.57 5.29 -8.62
CA SER A 222 -13.90 5.91 -8.61
C SER A 222 -14.55 5.63 -9.95
N SER A 223 -15.74 5.04 -9.95
CA SER A 223 -16.43 4.71 -11.20
C SER A 223 -17.94 4.90 -11.12
N GLU A 224 -18.53 5.49 -12.15
CA GLU A 224 -19.98 5.70 -12.17
C GLU A 224 -20.68 4.36 -12.40
N LYS A 225 -19.93 3.39 -12.93
CA LYS A 225 -20.48 2.06 -13.18
C LYS A 225 -20.65 1.32 -11.85
N LYS A 226 -19.87 1.73 -10.86
CA LYS A 226 -19.91 1.14 -9.52
C LYS A 226 -20.01 2.33 -8.56
N PRO A 227 -21.18 2.96 -8.50
CA PRO A 227 -21.43 4.13 -7.66
C PRO A 227 -21.12 4.03 -6.16
N ASP A 228 -21.01 2.82 -5.61
CA ASP A 228 -20.66 2.70 -4.19
C ASP A 228 -19.22 3.23 -4.02
N SER A 229 -18.48 3.24 -5.13
CA SER A 229 -17.09 3.68 -5.12
C SER A 229 -16.95 5.20 -5.09
N GLN A 230 -18.01 5.90 -5.46
CA GLN A 230 -17.98 7.35 -5.51
C GLN A 230 -18.17 8.00 -4.15
N ILE A 231 -17.18 8.80 -3.77
CA ILE A 231 -17.22 9.50 -2.49
C ILE A 231 -18.01 10.79 -2.64
N THR A 232 -18.95 11.01 -1.72
CA THR A 232 -19.79 12.20 -1.78
C THR A 232 -19.68 13.05 -0.52
N ILE A 233 -19.08 12.52 0.53
CA ILE A 233 -18.94 13.29 1.75
C ILE A 233 -17.55 13.89 1.90
N ILE A 234 -17.45 14.92 2.73
CA ILE A 234 -16.18 15.60 2.96
C ILE A 234 -15.84 15.65 4.45
N ARG A 235 -14.60 15.31 4.77
CA ARG A 235 -14.11 15.33 6.14
C ARG A 235 -12.74 16.00 6.11
N ASP A 236 -12.54 17.00 6.98
CA ASP A 236 -11.29 17.74 6.99
C ASP A 236 -10.03 16.91 7.22
N ASN A 237 -10.16 15.80 7.93
CA ASN A 237 -8.99 14.96 8.20
C ASN A 237 -8.90 13.68 7.37
N VAL A 238 -9.50 13.70 6.19
CA VAL A 238 -9.44 12.55 5.28
C VAL A 238 -9.24 13.04 3.85
N SER A 239 -8.09 12.70 3.27
CA SER A 239 -7.81 13.10 1.89
C SER A 239 -8.10 11.90 1.00
N VAL A 240 -8.59 12.16 -0.21
CA VAL A 240 -8.90 11.08 -1.14
C VAL A 240 -8.29 11.34 -2.51
N PHE A 241 -7.88 10.27 -3.17
CA PHE A 241 -7.26 10.37 -4.48
C PHE A 241 -7.75 9.24 -5.39
N PRO A 242 -8.61 9.58 -6.37
CA PRO A 242 -9.14 8.58 -7.30
C PRO A 242 -8.10 8.37 -8.40
N TYR A 243 -7.31 7.30 -8.29
CA TYR A 243 -6.29 7.06 -9.30
C TYR A 243 -6.88 6.55 -10.61
N PHE A 244 -8.04 5.92 -10.53
CA PHE A 244 -8.79 5.45 -11.70
C PHE A 244 -10.04 6.30 -11.66
N LEU A 245 -10.47 6.81 -12.81
CA LEU A 245 -11.67 7.64 -12.87
C LEU A 245 -12.52 7.34 -14.11
N ASP A 246 -13.52 6.49 -13.94
CA ASP A 246 -14.43 6.11 -15.02
C ASP A 246 -13.69 5.73 -16.32
N ASN A 247 -13.20 4.49 -16.39
CA ASN A 247 -12.50 4.01 -17.58
C ASN A 247 -11.31 4.90 -17.97
N ILE A 248 -10.67 5.52 -16.99
CA ILE A 248 -9.52 6.38 -17.24
C ILE A 248 -8.50 6.28 -16.11
N PRO A 249 -7.29 5.80 -16.42
CA PRO A 249 -6.82 5.34 -17.74
C PRO A 249 -7.57 4.09 -18.20
N GLU A 250 -7.71 3.92 -19.51
CA GLU A 250 -8.37 2.74 -20.04
C GLU A 250 -7.43 1.57 -19.78
N HIS A 251 -6.13 1.85 -19.88
CA HIS A 251 -5.11 0.84 -19.63
C HIS A 251 -3.99 1.47 -18.81
N GLY A 252 -4.00 1.21 -17.50
CA GLY A 252 -2.98 1.76 -16.63
C GLY A 252 -3.01 1.17 -15.24
N PHE A 253 -2.45 1.91 -14.28
CA PHE A 253 -2.42 1.43 -12.91
C PHE A 253 -2.11 2.58 -11.94
N GLY A 254 -2.33 2.32 -10.65
CA GLY A 254 -2.06 3.33 -9.66
C GLY A 254 -0.97 2.85 -8.70
N THR A 255 -0.41 3.78 -7.94
CA THR A 255 0.62 3.42 -6.96
C THR A 255 0.33 4.15 -5.65
N SER A 256 0.89 3.62 -4.57
CA SER A 256 0.73 4.20 -3.23
C SER A 256 1.97 3.79 -2.44
N ALA A 257 2.82 4.77 -2.15
CA ALA A 257 4.05 4.51 -1.41
C ALA A 257 4.19 5.53 -0.28
N THR A 258 4.47 5.03 0.92
CA THR A 258 4.62 5.86 2.10
C THR A 258 6.03 5.67 2.67
N VAL A 259 6.74 6.78 2.85
CA VAL A 259 8.09 6.71 3.38
C VAL A 259 8.15 7.23 4.82
N LEU A 260 8.89 6.54 5.66
CA LEU A 260 9.09 6.95 7.04
C LEU A 260 10.60 7.07 7.15
N VAL A 261 11.08 8.28 7.43
CA VAL A 261 12.51 8.53 7.50
C VAL A 261 12.85 9.45 8.65
N ARG A 262 13.87 9.11 9.42
CA ARG A 262 14.28 9.96 10.53
C ARG A 262 15.34 10.90 9.98
N VAL A 263 14.99 12.19 9.94
CA VAL A 263 15.89 13.22 9.44
C VAL A 263 16.31 14.11 10.60
N ASP A 264 17.61 14.08 10.89
CA ASP A 264 18.16 14.87 11.99
C ASP A 264 17.38 14.62 13.28
N GLY A 265 17.12 13.35 13.56
CA GLY A 265 16.43 12.99 14.78
C GLY A 265 14.91 12.97 14.72
N ASN A 266 14.34 13.63 13.72
CA ASN A 266 12.88 13.68 13.61
C ASN A 266 12.33 12.75 12.52
N VAL A 267 11.34 11.93 12.88
CA VAL A 267 10.75 11.03 11.91
C VAL A 267 9.71 11.74 11.05
N VAL A 268 9.99 11.78 9.75
CA VAL A 268 9.11 12.40 8.77
C VAL A 268 8.35 11.30 8.04
N VAL A 269 7.06 11.53 7.81
CA VAL A 269 6.25 10.56 7.08
C VAL A 269 5.59 11.25 5.90
N ARG A 270 5.86 10.75 4.71
CA ARG A 270 5.30 11.30 3.50
C ARG A 270 4.72 10.20 2.63
N SER A 271 3.55 10.46 2.05
CA SER A 271 2.91 9.48 1.20
C SER A 271 2.74 10.02 -0.20
N LEU A 272 2.89 9.15 -1.19
CA LEU A 272 2.77 9.56 -2.59
C LEU A 272 1.95 8.53 -3.37
N SER A 273 0.87 9.01 -3.99
CA SER A 273 0.02 8.15 -4.81
C SER A 273 0.05 8.73 -6.21
N GLU A 274 0.15 7.85 -7.20
CA GLU A 274 0.19 8.29 -8.58
C GLU A 274 -0.70 7.41 -9.45
N SER A 275 -1.05 7.94 -10.61
CA SER A 275 -1.87 7.22 -11.58
C SER A 275 -1.07 7.21 -12.87
N TYR A 276 -0.96 6.03 -13.49
CA TYR A 276 -0.21 5.86 -14.73
C TYR A 276 -1.01 5.20 -15.84
N SER A 277 -0.61 5.47 -17.08
CA SER A 277 -1.24 4.86 -18.23
C SER A 277 -0.21 3.91 -18.82
N LEU A 278 -0.67 2.82 -19.43
CA LEU A 278 0.21 1.83 -20.04
C LEU A 278 -0.11 1.67 -21.52
N ASN A 279 0.92 1.44 -22.33
CA ASN A 279 0.72 1.25 -23.76
C ASN A 279 0.23 -0.18 -24.01
N ALA A 280 -0.13 -0.46 -25.26
CA ALA A 280 -0.63 -1.78 -25.65
C ALA A 280 0.24 -2.94 -25.17
N ASP A 281 1.55 -2.80 -25.28
CA ASP A 281 2.47 -3.85 -24.86
C ASP A 281 2.99 -3.66 -23.45
N ALA A 282 2.44 -2.67 -22.74
CA ALA A 282 2.84 -2.38 -21.37
C ALA A 282 4.35 -2.27 -21.18
N SER A 283 5.03 -1.62 -22.12
CA SER A 283 6.48 -1.46 -22.04
C SER A 283 6.90 -0.08 -21.57
N GLU A 284 5.98 0.88 -21.64
CA GLU A 284 6.28 2.25 -21.21
C GLU A 284 5.13 2.78 -20.36
N ILE A 285 5.42 3.73 -19.48
CA ILE A 285 4.40 4.32 -18.62
C ILE A 285 4.40 5.84 -18.67
N SER A 286 3.25 6.42 -18.36
CA SER A 286 3.10 7.88 -18.36
C SER A 286 2.29 8.29 -17.14
N VAL A 287 2.86 9.16 -16.31
CA VAL A 287 2.16 9.63 -15.11
C VAL A 287 1.06 10.60 -15.51
N LEU A 288 -0.13 10.41 -14.93
CA LEU A 288 -1.27 11.23 -15.25
C LEU A 288 -1.76 12.12 -14.11
N LYS A 289 -1.73 11.58 -12.89
CA LYS A 289 -2.20 12.31 -11.71
C LYS A 289 -1.32 11.95 -10.52
N VAL A 290 -1.15 12.90 -9.60
CA VAL A 290 -0.32 12.68 -8.43
C VAL A 290 -0.91 13.32 -7.17
N PHE A 291 -0.73 12.67 -6.04
CA PHE A 291 -1.20 13.21 -4.77
C PHE A 291 -0.05 13.03 -3.79
N SER A 292 0.42 14.14 -3.23
CA SER A 292 1.52 14.10 -2.27
C SER A 292 0.99 14.55 -0.91
N LYS A 293 1.29 13.79 0.13
CA LYS A 293 0.80 14.14 1.46
C LYS A 293 1.76 13.87 2.60
N LYS A 294 1.85 14.82 3.51
CA LYS A 294 2.73 14.68 4.67
C LYS A 294 1.84 14.30 5.87
N PHE A 295 2.28 13.33 6.66
CA PHE A 295 1.54 12.91 7.84
C PHE A 295 2.31 13.32 9.11
P PO4 B . 1.81 -6.30 -8.02
O1 PO4 B . 3.05 -6.07 -8.92
O2 PO4 B . 1.29 -7.73 -8.14
O3 PO4 B . 2.13 -6.01 -6.56
O4 PO4 B . 0.70 -5.30 -8.51
P PO4 C . -14.05 -4.56 -8.09
O1 PO4 C . -12.81 -3.72 -8.41
O2 PO4 C . -13.97 -5.95 -8.74
O3 PO4 C . -14.22 -4.73 -6.59
O4 PO4 C . -15.29 -3.80 -8.69
#